data_6MHP
#
_entry.id   6MHP
#
_cell.length_a   46.069
_cell.length_b   50.142
_cell.length_c   111.455
_cell.angle_alpha   90.00
_cell.angle_beta   90.00
_cell.angle_gamma   90.00
#
_symmetry.space_group_name_H-M   'P 21 21 21'
#
loop_
_entity.id
_entity.type
_entity.pdbx_description
1 polymer 'Malonyl CoA-acyl carrier protein transacylase'
2 water water
#
_entity_poly.entity_id   1
_entity_poly.type   'polypeptide(L)'
_entity_poly.pdbx_seq_one_letter_code
;MGSSHHHHHHSSGLVPRGSHMAEKMITYLFPGQGSQKQGMGSSLFDEFKDLTEQADETLGYSMKRLCLENPYSNLHKTQF
TQPALYVVNVLSYLKKIQDNDIKPDYVAGHSLGEYNALFAAGAFDFITGLQLVRKRGELMSMATDGKMAAVMGLTAAQVS
DALQTHGLHTIDIANMNSPHQVVISGRKEDIERAKSVFEGLKDVTMFHPLNVSGAFHSRYMSEAKQEFEKFLQSFHFSAI
SIPVISNVHARPYEQDGIHSVLADQIDHSVRWNDSIRYLLDKGRMEFEEVGPGHVLTGLIHRIKNETEASPAM
;
_entity_poly.pdbx_strand_id   A
#
# COMPACT_ATOMS: atom_id res chain seq x y z
N MET A 25 -4.31 -8.20 22.21
CA MET A 25 -3.82 -6.99 21.63
C MET A 25 -4.54 -6.71 20.33
N ILE A 26 -4.55 -5.48 19.86
CA ILE A 26 -5.15 -5.18 18.56
C ILE A 26 -4.23 -4.37 17.64
N THR A 27 -4.33 -4.68 16.35
CA THR A 27 -3.64 -3.96 15.27
C THR A 27 -4.67 -3.29 14.35
N TYR A 28 -4.41 -2.01 13.97
CA TYR A 28 -5.14 -1.36 12.95
C TYR A 28 -4.38 -1.50 11.59
N LEU A 29 -5.12 -1.83 10.54
CA LEU A 29 -4.55 -2.07 9.22
C LEU A 29 -5.14 -1.05 8.26
N PHE A 30 -4.29 -0.39 7.49
CA PHE A 30 -4.74 0.63 6.50
C PHE A 30 -4.57 0.16 5.06
N PRO A 31 -5.64 0.15 4.23
CA PRO A 31 -5.62 -0.27 2.83
C PRO A 31 -4.83 0.62 1.92
N GLY A 32 -4.31 0.01 0.86
CA GLY A 32 -3.69 0.73 -0.23
C GLY A 32 -4.38 0.51 -1.57
N GLN A 33 -3.62 0.75 -2.65
CA GLN A 33 -4.16 0.72 -3.96
C GLN A 33 -4.65 -0.62 -4.22
N GLY A 34 -5.83 -0.72 -4.80
CA GLY A 34 -6.55 -1.97 -4.85
C GLY A 34 -7.83 -1.91 -3.98
N SER A 35 -7.86 -1.04 -2.96
CA SER A 35 -9.10 -0.82 -2.17
C SER A 35 -9.91 0.42 -2.50
N GLN A 36 -9.39 1.32 -3.35
CA GLN A 36 -10.13 2.51 -3.70
C GLN A 36 -11.45 2.11 -4.38
N LYS A 37 -12.46 2.91 -4.16
CA LYS A 37 -13.80 2.68 -4.66
C LYS A 37 -14.53 3.97 -4.76
N GLN A 38 -15.22 4.19 -5.89
CA GLN A 38 -16.04 5.36 -5.99
C GLN A 38 -17.06 5.35 -4.84
N GLY A 39 -17.21 6.48 -4.19
CA GLY A 39 -18.08 6.65 -3.01
C GLY A 39 -17.36 6.55 -1.67
N MET A 40 -16.10 6.15 -1.69
CA MET A 40 -15.34 6.06 -0.48
C MET A 40 -15.25 7.42 0.18
N GLY A 41 -15.32 7.37 1.50
CA GLY A 41 -15.22 8.54 2.34
C GLY A 41 -16.52 9.25 2.48
N SER A 42 -17.54 8.70 1.86
CA SER A 42 -18.93 8.91 2.10
C SER A 42 -19.25 9.98 3.10
N SER A 43 -19.46 9.59 4.34
CA SER A 43 -19.87 10.52 5.37
C SER A 43 -18.84 11.45 5.88
N LEU A 44 -17.60 11.22 5.51
CA LEU A 44 -16.49 11.88 6.31
C LEU A 44 -15.99 13.23 5.91
N PHE A 45 -16.16 13.58 4.65
CA PHE A 45 -15.62 14.85 4.13
C PHE A 45 -16.38 15.99 4.74
N ASP A 46 -17.66 15.83 4.91
CA ASP A 46 -18.47 16.88 5.53
C ASP A 46 -18.27 17.00 7.05
N GLU A 47 -18.01 15.88 7.69
CA GLU A 47 -17.74 15.89 9.08
C GLU A 47 -16.35 16.48 9.39
N PHE A 48 -15.36 16.36 8.48
CA PHE A 48 -14.02 16.88 8.70
C PHE A 48 -13.88 17.85 7.50
N LYS A 49 -14.57 18.98 7.60
CA LYS A 49 -14.54 19.99 6.50
C LYS A 49 -13.22 20.70 6.45
N ASP A 50 -12.67 21.06 7.60
CA ASP A 50 -11.40 21.75 7.56
C ASP A 50 -10.29 20.88 6.99
N LEU A 51 -10.28 19.59 7.34
CA LEU A 51 -9.21 18.75 6.80
C LEU A 51 -9.35 18.57 5.32
N THR A 52 -10.58 18.42 4.84
CA THR A 52 -10.80 18.23 3.42
C THR A 52 -10.39 19.45 2.67
N GLU A 53 -10.77 20.60 3.20
CA GLU A 53 -10.37 21.86 2.60
C GLU A 53 -8.88 22.07 2.53
N GLN A 54 -8.17 21.70 3.59
CA GLN A 54 -6.75 21.73 3.59
C GLN A 54 -6.17 20.83 2.51
N ALA A 55 -6.76 19.66 2.34
CA ALA A 55 -6.31 18.75 1.30
C ALA A 55 -6.51 19.33 -0.08
N ASP A 56 -7.71 19.87 -0.33
CA ASP A 56 -8.06 20.42 -1.59
C ASP A 56 -7.14 21.58 -1.95
N GLU A 57 -6.84 22.42 -0.95
CA GLU A 57 -5.97 23.58 -1.23
C GLU A 57 -4.60 23.09 -1.69
N THR A 58 -4.10 22.05 -1.03
CA THR A 58 -2.79 21.49 -1.34
C THR A 58 -2.72 20.77 -2.67
N LEU A 59 -3.75 20.01 -2.95
CA LEU A 59 -3.74 19.21 -4.19
C LEU A 59 -4.21 19.93 -5.42
N GLY A 60 -5.09 20.92 -5.33
CA GLY A 60 -5.51 21.65 -6.52
C GLY A 60 -6.85 21.15 -7.11
N TYR A 61 -7.58 20.36 -6.35
CA TYR A 61 -8.88 19.84 -6.77
C TYR A 61 -9.70 19.46 -5.54
N SER A 62 -10.97 19.15 -5.74
CA SER A 62 -11.84 18.71 -4.68
C SER A 62 -11.67 17.18 -4.46
N MET A 63 -11.28 16.82 -3.24
CA MET A 63 -11.14 15.45 -2.85
C MET A 63 -12.51 14.74 -2.73
N LYS A 64 -13.51 15.45 -2.20
CA LYS A 64 -14.86 14.94 -2.20
C LYS A 64 -15.32 14.60 -3.59
N ARG A 65 -15.12 15.53 -4.52
CA ARG A 65 -15.51 15.31 -5.92
C ARG A 65 -14.82 14.10 -6.53
N LEU A 66 -13.52 13.97 -6.26
CA LEU A 66 -12.73 12.88 -6.80
C LEU A 66 -13.28 11.54 -6.32
N CYS A 67 -13.51 11.42 -5.03
CA CYS A 67 -13.89 10.15 -4.42
C CYS A 67 -15.35 9.77 -4.77
N LEU A 68 -16.21 10.76 -4.76
CA LEU A 68 -17.64 10.52 -4.93
C LEU A 68 -18.09 10.48 -6.35
N GLU A 69 -17.51 11.28 -7.24
CA GLU A 69 -17.92 11.30 -8.65
C GLU A 69 -16.89 10.67 -9.61
N ASN A 70 -15.67 10.40 -9.14
CA ASN A 70 -14.66 9.77 -9.98
C ASN A 70 -14.58 10.37 -11.38
N PRO A 71 -14.38 11.68 -11.44
CA PRO A 71 -14.32 12.38 -12.69
C PRO A 71 -13.15 11.92 -13.57
N TYR A 72 -13.36 11.85 -14.90
CA TYR A 72 -12.33 11.34 -15.80
C TYR A 72 -11.70 9.97 -15.36
N SER A 73 -12.42 9.20 -14.55
CA SER A 73 -11.92 7.96 -13.99
C SER A 73 -10.60 8.18 -13.20
N ASN A 74 -10.43 9.36 -12.64
CA ASN A 74 -9.16 9.68 -11.93
C ASN A 74 -8.86 8.82 -10.72
N LEU A 75 -9.87 8.27 -10.10
CA LEU A 75 -9.62 7.49 -8.91
C LEU A 75 -8.68 6.34 -9.18
N HIS A 76 -8.64 5.89 -10.43
CA HIS A 76 -7.82 4.74 -10.81
C HIS A 76 -6.46 5.12 -11.36
N LYS A 77 -6.09 6.39 -11.33
CA LYS A 77 -4.75 6.82 -11.78
C LYS A 77 -3.93 7.15 -10.54
N THR A 78 -2.79 6.47 -10.37
CA THR A 78 -2.05 6.47 -9.09
C THR A 78 -1.70 7.83 -8.47
N GLN A 79 -1.45 8.84 -9.31
CA GLN A 79 -1.19 10.15 -8.82
C GLN A 79 -2.39 10.73 -8.01
N PHE A 80 -3.62 10.25 -8.26
CA PHE A 80 -4.87 10.68 -7.57
C PHE A 80 -5.19 9.63 -6.56
N THR A 81 -4.97 8.37 -6.91
CA THR A 81 -5.40 7.26 -6.03
C THR A 81 -4.68 7.38 -4.67
N GLN A 82 -3.38 7.64 -4.74
CA GLN A 82 -2.59 7.67 -3.48
C GLN A 82 -3.08 8.78 -2.50
N PRO A 83 -3.19 10.02 -2.93
CA PRO A 83 -3.70 11.00 -1.95
C PRO A 83 -5.15 10.73 -1.57
N ALA A 84 -5.96 10.20 -2.50
CA ALA A 84 -7.38 9.90 -2.14
C ALA A 84 -7.45 8.88 -1.02
N LEU A 85 -6.74 7.80 -1.20
CA LEU A 85 -6.71 6.79 -0.15
C LEU A 85 -6.12 7.31 1.14
N TYR A 86 -5.06 8.12 1.03
CA TYR A 86 -4.43 8.64 2.22
C TYR A 86 -5.45 9.46 3.02
N VAL A 87 -6.14 10.34 2.32
CA VAL A 87 -7.10 11.23 3.00
C VAL A 87 -8.25 10.40 3.61
N VAL A 88 -8.81 9.47 2.84
CA VAL A 88 -9.96 8.66 3.34
C VAL A 88 -9.54 7.87 4.51
N ASN A 89 -8.35 7.27 4.46
CA ASN A 89 -7.83 6.47 5.57
C ASN A 89 -7.62 7.36 6.80
N VAL A 90 -7.12 8.60 6.64
CA VAL A 90 -6.96 9.48 7.76
C VAL A 90 -8.31 9.81 8.44
N LEU A 91 -9.32 10.15 7.66
CA LEU A 91 -10.58 10.60 8.20
C LEU A 91 -11.24 9.40 8.84
N SER A 92 -11.03 8.22 8.24
CA SER A 92 -11.60 6.97 8.78
C SER A 92 -10.99 6.74 10.16
N TYR A 93 -9.69 6.91 10.30
CA TYR A 93 -8.99 6.79 11.57
C TYR A 93 -9.46 7.79 12.64
N LEU A 94 -9.57 9.06 12.23
CA LEU A 94 -9.93 10.09 13.19
C LEU A 94 -11.36 9.84 13.68
N LYS A 95 -12.23 9.42 12.79
CA LYS A 95 -13.59 9.11 13.14
C LYS A 95 -13.59 7.93 14.10
N LYS A 96 -12.78 6.92 13.83
CA LYS A 96 -12.80 5.71 14.64
C LYS A 96 -12.43 6.01 16.03
N ILE A 97 -11.38 6.82 16.23
CA ILE A 97 -10.97 7.08 17.57
C ILE A 97 -11.78 8.16 18.24
N GLN A 98 -12.57 8.91 17.48
CA GLN A 98 -13.47 9.89 18.08
C GLN A 98 -14.58 9.12 18.83
N ASP A 99 -15.06 8.04 18.23
CA ASP A 99 -16.15 7.19 18.75
C ASP A 99 -15.64 6.14 19.71
N ASN A 100 -14.39 5.70 19.54
CA ASN A 100 -13.81 4.73 20.47
C ASN A 100 -12.37 5.06 20.82
N ASP A 101 -12.23 5.60 22.01
CA ASP A 101 -11.06 6.37 22.40
C ASP A 101 -10.04 5.39 22.97
N ILE A 102 -9.61 4.50 22.07
CA ILE A 102 -8.71 3.36 22.28
C ILE A 102 -7.58 3.59 21.29
N LYS A 103 -6.35 3.30 21.70
CA LYS A 103 -5.26 3.23 20.72
C LYS A 103 -4.74 1.78 20.53
N PRO A 104 -4.55 1.39 19.28
CA PRO A 104 -4.07 0.06 18.95
C PRO A 104 -2.68 -0.21 19.52
N ASP A 105 -2.37 -1.48 19.66
CA ASP A 105 -1.03 -1.91 20.10
C ASP A 105 0.00 -1.77 18.95
N TYR A 106 -0.51 -1.92 17.72
CA TYR A 106 0.33 -1.87 16.49
C TYR A 106 -0.44 -1.30 15.36
N VAL A 107 0.26 -0.79 14.35
CA VAL A 107 -0.35 -0.43 13.10
C VAL A 107 0.50 -0.90 11.94
N ALA A 108 -0.16 -1.12 10.84
CA ALA A 108 0.50 -1.43 9.55
C ALA A 108 -0.38 -1.03 8.40
N GLY A 109 0.18 -0.83 7.22
CA GLY A 109 -0.67 -0.55 6.08
C GLY A 109 -0.02 -1.04 4.82
N HIS A 110 -0.83 -1.29 3.83
CA HIS A 110 -0.32 -1.96 2.63
C HIS A 110 0.12 -0.92 1.61
N SER A 111 1.44 -0.80 1.47
CA SER A 111 2.07 0.10 0.51
C SER A 111 1.59 1.51 0.89
N LEU A 112 0.85 2.19 0.02
CA LEU A 112 0.27 3.47 0.37
C LEU A 112 -0.20 3.57 1.84
N GLY A 113 -0.85 2.53 2.27
CA GLY A 113 -1.39 2.46 3.66
C GLY A 113 -0.40 2.66 4.75
N GLU A 114 0.85 2.34 4.51
CA GLU A 114 1.89 2.50 5.51
C GLU A 114 2.03 3.97 5.94
N TYR A 115 1.71 4.89 5.03
CA TYR A 115 1.68 6.33 5.36
C TYR A 115 0.59 6.61 6.37
N ASN A 116 -0.54 5.91 6.28
CA ASN A 116 -1.60 6.04 7.28
C ASN A 116 -1.25 5.45 8.63
N ALA A 117 -0.47 4.36 8.63
CA ALA A 117 0.01 3.82 9.90
C ALA A 117 0.97 4.81 10.56
N LEU A 118 1.90 5.40 9.77
CA LEU A 118 2.86 6.36 10.27
C LEU A 118 2.10 7.58 10.80
N PHE A 119 0.99 7.95 10.16
CA PHE A 119 0.23 9.10 10.66
C PHE A 119 -0.42 8.77 12.02
N ALA A 120 -1.03 7.59 12.10
CA ALA A 120 -1.66 7.13 13.37
C ALA A 120 -0.62 7.09 14.50
N ALA A 121 0.62 6.72 14.17
CA ALA A 121 1.70 6.62 15.10
C ALA A 121 2.32 7.93 15.50
N GLY A 122 1.93 8.99 14.85
CA GLY A 122 2.42 10.33 15.14
C GLY A 122 3.76 10.70 14.50
N ALA A 123 4.18 9.98 13.50
CA ALA A 123 5.46 10.31 12.84
C ALA A 123 5.44 11.63 12.10
N PHE A 124 4.28 12.03 11.58
CA PHE A 124 4.08 13.29 10.91
C PHE A 124 2.61 13.74 11.02
N ASP A 125 2.39 15.01 10.78
CA ASP A 125 1.02 15.54 10.74
C ASP A 125 0.32 15.27 9.42
N PHE A 126 -0.95 15.62 9.38
CA PHE A 126 -1.78 15.32 8.26
C PHE A 126 -1.23 15.88 6.94
N ILE A 127 -0.89 17.18 6.95
CA ILE A 127 -0.46 17.74 5.67
C ILE A 127 0.92 17.28 5.25
N THR A 128 1.80 17.01 6.20
CA THR A 128 3.07 16.42 5.89
C THR A 128 2.92 15.09 5.18
N GLY A 129 2.10 14.23 5.73
CA GLY A 129 1.88 12.97 5.11
C GLY A 129 1.27 13.16 3.72
N LEU A 130 0.35 14.12 3.57
CA LEU A 130 -0.30 14.39 2.27
C LEU A 130 0.78 14.81 1.22
N GLN A 131 1.71 15.68 1.65
CA GLN A 131 2.81 16.10 0.74
C GLN A 131 3.62 14.93 0.31
N LEU A 132 3.91 14.01 1.24
CA LEU A 132 4.74 12.85 0.88
C LEU A 132 4.04 11.92 -0.10
N VAL A 133 2.76 11.67 0.12
CA VAL A 133 2.02 10.76 -0.75
C VAL A 133 1.68 11.41 -2.06
N ARG A 134 1.53 12.73 -2.10
CA ARG A 134 1.32 13.41 -3.38
C ARG A 134 2.54 13.23 -4.28
N LYS A 135 3.70 13.47 -3.69
CA LYS A 135 4.96 13.28 -4.44
C LYS A 135 5.18 11.83 -4.81
N ARG A 136 4.85 10.90 -3.93
CA ARG A 136 5.05 9.50 -4.21
C ARG A 136 4.17 9.10 -5.42
N GLY A 137 2.94 9.54 -5.37
CA GLY A 137 2.01 9.29 -6.45
C GLY A 137 2.51 9.85 -7.76
N GLU A 138 2.99 11.09 -7.72
CA GLU A 138 3.48 11.75 -8.90
C GLU A 138 4.65 10.95 -9.53
N LEU A 139 5.66 10.67 -8.70
CA LEU A 139 6.78 9.88 -9.21
C LEU A 139 6.38 8.54 -9.78
N MET A 140 5.48 7.83 -9.11
CA MET A 140 5.13 6.47 -9.57
C MET A 140 4.29 6.53 -10.85
N SER A 141 3.61 7.63 -11.06
CA SER A 141 2.76 7.77 -12.22
C SER A 141 3.60 7.99 -13.44
N MET A 142 4.86 8.31 -13.25
CA MET A 142 5.79 8.58 -14.36
C MET A 142 6.29 7.28 -15.00
N ALA A 143 6.10 6.16 -14.31
CA ALA A 143 6.44 4.84 -14.85
C ALA A 143 5.50 4.42 -15.97
N THR A 144 6.04 4.05 -17.10
CA THR A 144 5.23 3.40 -18.08
C THR A 144 5.97 2.13 -18.52
N ASP A 145 5.35 1.45 -19.46
CA ASP A 145 5.89 0.23 -20.00
C ASP A 145 6.06 -0.85 -18.90
N GLY A 146 5.42 -0.70 -17.74
CA GLY A 146 5.37 -1.80 -16.78
C GLY A 146 3.99 -2.40 -16.50
N LYS A 147 3.94 -3.54 -15.83
CA LYS A 147 2.64 -4.12 -15.41
C LYS A 147 2.84 -4.92 -14.18
N MET A 148 1.72 -5.26 -13.55
CA MET A 148 1.72 -6.10 -12.36
C MET A 148 0.61 -7.15 -12.55
N ALA A 149 0.71 -8.28 -11.87
CA ALA A 149 -0.32 -9.33 -11.96
C ALA A 149 -0.42 -10.08 -10.69
N ALA A 150 -1.65 -10.35 -10.28
CA ALA A 150 -1.89 -11.12 -9.08
C ALA A 150 -1.87 -12.61 -9.51
N VAL A 151 -1.13 -13.41 -8.74
CA VAL A 151 -0.98 -14.84 -8.95
C VAL A 151 -1.44 -15.57 -7.69
N MET A 152 -2.42 -16.46 -7.84
CA MET A 152 -2.96 -17.21 -6.70
C MET A 152 -2.71 -18.67 -6.88
N GLY A 153 -2.48 -19.38 -5.79
CA GLY A 153 -2.36 -20.86 -5.74
C GLY A 153 -0.96 -21.32 -5.39
N LEU A 154 0.06 -20.44 -5.58
CA LEU A 154 1.46 -20.77 -5.31
C LEU A 154 2.07 -19.97 -4.18
N THR A 155 3.01 -20.56 -3.47
CA THR A 155 3.76 -19.80 -2.48
C THR A 155 4.71 -18.85 -3.15
N ALA A 156 5.19 -17.85 -2.43
CA ALA A 156 6.20 -16.95 -2.98
C ALA A 156 7.43 -17.68 -3.55
N ALA A 157 7.89 -18.67 -2.75
CA ALA A 157 9.05 -19.46 -3.18
C ALA A 157 8.80 -20.16 -4.53
N GLN A 158 7.59 -20.70 -4.67
CA GLN A 158 7.22 -21.36 -5.90
C GLN A 158 7.10 -20.38 -7.05
N VAL A 159 6.53 -19.20 -6.80
CA VAL A 159 6.43 -18.19 -7.87
C VAL A 159 7.86 -17.82 -8.34
N SER A 160 8.73 -17.57 -7.36
CA SER A 160 10.13 -17.20 -7.70
C SER A 160 10.81 -18.29 -8.53
N ASP A 161 10.61 -19.51 -8.12
CA ASP A 161 11.22 -20.67 -8.82
C ASP A 161 10.70 -20.74 -10.23
N ALA A 162 9.38 -20.58 -10.37
CA ALA A 162 8.76 -20.62 -11.72
C ALA A 162 9.27 -19.55 -12.63
N LEU A 163 9.39 -18.34 -12.11
CA LEU A 163 10.00 -17.23 -12.89
C LEU A 163 11.44 -17.56 -13.40
N GLN A 164 12.26 -18.07 -12.52
CA GLN A 164 13.66 -18.35 -12.84
C GLN A 164 13.72 -19.42 -13.88
N THR A 165 12.93 -20.48 -13.73
CA THR A 165 13.07 -21.61 -14.63
C THR A 165 12.39 -21.44 -15.97
N HIS A 166 11.61 -20.40 -16.20
CA HIS A 166 10.91 -20.18 -17.46
C HIS A 166 11.46 -18.90 -18.12
N GLY A 167 12.70 -18.56 -17.79
CA GLY A 167 13.28 -17.43 -18.50
C GLY A 167 12.76 -16.04 -18.11
N LEU A 168 12.16 -15.92 -16.96
CA LEU A 168 11.49 -14.72 -16.51
C LEU A 168 12.14 -14.10 -15.22
N HIS A 169 13.43 -14.29 -15.15
CA HIS A 169 14.23 -13.81 -14.03
C HIS A 169 14.14 -12.26 -13.83
N THR A 170 13.76 -11.58 -14.89
CA THR A 170 13.58 -10.13 -14.89
C THR A 170 12.31 -9.61 -14.21
N ILE A 171 11.47 -10.51 -13.77
CA ILE A 171 10.23 -10.16 -13.04
C ILE A 171 10.50 -10.29 -11.57
N ASP A 172 10.00 -9.30 -10.83
CA ASP A 172 10.11 -9.26 -9.38
C ASP A 172 8.81 -9.61 -8.69
N ILE A 173 8.94 -9.94 -7.39
CA ILE A 173 7.76 -10.16 -6.59
C ILE A 173 7.45 -8.85 -5.83
N ALA A 174 6.32 -8.24 -6.14
CA ALA A 174 5.96 -6.92 -5.63
C ALA A 174 5.24 -6.97 -4.29
N ASN A 175 4.32 -7.92 -4.15
CA ASN A 175 3.62 -8.15 -2.89
C ASN A 175 3.62 -9.63 -2.58
N MET A 176 3.80 -9.93 -1.33
CA MET A 176 3.51 -11.23 -0.74
C MET A 176 2.39 -11.01 0.26
N ASN A 177 1.21 -11.35 -0.15
CA ASN A 177 -0.02 -10.93 0.57
C ASN A 177 -0.59 -11.95 1.54
N SER A 178 -0.51 -13.21 1.17
CA SER A 178 -0.92 -14.36 2.01
C SER A 178 -0.13 -15.58 1.52
N PRO A 179 -0.31 -16.77 2.18
CA PRO A 179 0.66 -17.80 1.79
C PRO A 179 0.53 -18.28 0.32
N HIS A 180 -0.62 -18.12 -0.33
CA HIS A 180 -0.78 -18.46 -1.73
C HIS A 180 -1.27 -17.35 -2.60
N GLN A 181 -1.01 -16.08 -2.19
CA GLN A 181 -1.33 -14.86 -3.01
C GLN A 181 -0.13 -13.94 -3.08
N VAL A 182 0.40 -13.82 -4.28
CA VAL A 182 1.60 -13.05 -4.64
C VAL A 182 1.24 -12.09 -5.77
N VAL A 183 1.87 -10.90 -5.84
CA VAL A 183 1.75 -10.04 -6.98
C VAL A 183 3.14 -9.88 -7.60
N ILE A 184 3.20 -10.16 -8.87
CA ILE A 184 4.46 -10.06 -9.61
C ILE A 184 4.47 -8.71 -10.37
N SER A 185 5.65 -8.30 -10.80
CA SER A 185 5.84 -6.89 -11.31
C SER A 185 7.02 -6.85 -12.25
N GLY A 186 6.83 -6.28 -13.42
CA GLY A 186 7.96 -6.11 -14.34
C GLY A 186 7.58 -5.48 -15.64
N ARG A 187 8.47 -5.60 -16.63
CA ARG A 187 8.20 -4.94 -17.91
C ARG A 187 6.94 -5.54 -18.51
N LYS A 188 6.22 -4.74 -19.28
CA LYS A 188 4.90 -5.12 -19.86
C LYS A 188 4.98 -6.43 -20.58
N GLU A 189 5.96 -6.54 -21.44
CA GLU A 189 6.10 -7.70 -22.26
C GLU A 189 6.45 -8.98 -21.49
N ASP A 190 7.21 -8.84 -20.44
CA ASP A 190 7.52 -9.95 -19.57
C ASP A 190 6.29 -10.44 -18.80
N ILE A 191 5.49 -9.52 -18.29
CA ILE A 191 4.26 -9.88 -17.64
C ILE A 191 3.27 -10.60 -18.61
N GLU A 192 3.31 -10.21 -19.87
CA GLU A 192 2.53 -10.87 -20.87
C GLU A 192 2.89 -12.34 -21.05
N ARG A 193 4.18 -12.60 -21.13
CA ARG A 193 4.73 -13.95 -21.25
C ARG A 193 4.42 -14.76 -20.03
N ALA A 194 4.47 -14.09 -18.90
CA ALA A 194 4.22 -14.81 -17.66
C ALA A 194 2.81 -15.43 -17.60
N LYS A 195 1.85 -14.74 -18.19
CA LYS A 195 0.47 -15.25 -18.20
C LYS A 195 0.45 -16.69 -18.70
N SER A 196 1.05 -16.90 -19.86
CA SER A 196 1.19 -18.20 -20.44
C SER A 196 1.82 -19.29 -19.56
N VAL A 197 2.93 -18.89 -18.97
CA VAL A 197 3.65 -19.70 -18.10
C VAL A 197 2.83 -20.13 -16.91
N PHE A 198 2.21 -19.16 -16.22
CA PHE A 198 1.47 -19.51 -15.04
C PHE A 198 0.16 -20.28 -15.36
N GLU A 199 -0.47 -19.99 -16.48
CA GLU A 199 -1.66 -20.72 -16.82
C GLU A 199 -1.41 -22.19 -17.09
N GLY A 200 -0.20 -22.52 -17.47
CA GLY A 200 0.21 -23.93 -17.68
C GLY A 200 0.52 -24.68 -16.37
N LEU A 201 0.66 -23.95 -15.25
CA LEU A 201 1.02 -24.55 -13.99
C LEU A 201 -0.20 -25.01 -13.28
N LYS A 202 -0.27 -26.28 -12.92
CA LYS A 202 -1.52 -26.82 -12.31
C LYS A 202 -2.03 -26.14 -11.09
N ASP A 203 -1.16 -25.72 -10.21
CA ASP A 203 -1.67 -25.22 -8.93
C ASP A 203 -2.06 -23.73 -8.95
N VAL A 204 -1.85 -23.12 -10.11
CA VAL A 204 -2.24 -21.73 -10.23
C VAL A 204 -3.74 -21.70 -10.43
N THR A 205 -4.43 -20.98 -9.54
CA THR A 205 -5.89 -20.77 -9.65
C THR A 205 -6.32 -19.45 -10.28
N MET A 206 -5.43 -18.46 -10.33
CA MET A 206 -5.76 -17.18 -10.95
C MET A 206 -4.48 -16.51 -11.37
N PHE A 207 -4.50 -15.91 -12.57
CA PHE A 207 -3.49 -14.95 -13.04
C PHE A 207 -4.28 -13.73 -13.51
N HIS A 208 -4.14 -12.64 -12.83
CA HIS A 208 -4.97 -11.46 -13.09
C HIS A 208 -4.13 -10.19 -13.14
N PRO A 209 -3.90 -9.68 -14.33
CA PRO A 209 -3.18 -8.42 -14.43
C PRO A 209 -3.89 -7.35 -13.67
N LEU A 210 -3.13 -6.51 -13.00
CA LEU A 210 -3.70 -5.41 -12.29
C LEU A 210 -3.81 -4.15 -13.19
N ASN A 211 -4.60 -3.17 -12.75
CA ASN A 211 -4.82 -1.99 -13.61
C ASN A 211 -3.80 -0.87 -13.39
N VAL A 212 -2.54 -1.13 -13.73
CA VAL A 212 -1.38 -0.22 -13.62
C VAL A 212 -0.60 -0.26 -14.89
N SER A 213 0.21 0.80 -15.16
CA SER A 213 1.13 0.77 -16.27
C SER A 213 2.56 0.98 -15.75
N GLY A 214 2.74 0.74 -14.46
CA GLY A 214 4.08 0.74 -13.86
C GLY A 214 4.34 -0.56 -13.11
N ALA A 215 5.61 -0.97 -13.10
CA ALA A 215 6.07 -2.12 -12.37
C ALA A 215 6.42 -1.70 -10.97
N PHE A 216 5.37 -1.44 -10.19
CA PHE A 216 5.62 -0.99 -8.88
C PHE A 216 6.30 -2.08 -7.98
N HIS A 217 7.03 -1.65 -6.93
CA HIS A 217 7.69 -2.54 -5.98
C HIS A 217 8.60 -3.54 -6.69
N SER A 218 9.30 -3.01 -7.68
CA SER A 218 10.27 -3.77 -8.44
C SER A 218 11.56 -2.96 -8.65
N ARG A 219 12.54 -3.66 -9.27
CA ARG A 219 13.84 -2.99 -9.64
C ARG A 219 13.63 -1.85 -10.65
N TYR A 220 12.50 -1.85 -11.38
CA TYR A 220 12.22 -0.86 -12.40
C TYR A 220 11.77 0.49 -11.85
N MET A 221 11.63 0.54 -10.52
CA MET A 221 11.27 1.76 -9.81
C MET A 221 12.52 2.44 -9.22
N SER A 222 13.68 2.05 -9.71
CA SER A 222 14.95 2.55 -9.14
C SER A 222 15.04 4.08 -9.17
N GLU A 223 14.65 4.66 -10.26
CA GLU A 223 14.79 6.11 -10.46
C GLU A 223 13.85 6.85 -9.56
N ALA A 224 12.60 6.41 -9.58
CA ALA A 224 11.59 7.01 -8.73
C ALA A 224 12.05 6.94 -7.26
N LYS A 225 12.64 5.82 -6.88
CA LYS A 225 13.05 5.62 -5.51
C LYS A 225 14.11 6.63 -5.11
N GLN A 226 15.10 6.77 -5.95
CA GLN A 226 16.23 7.67 -5.66
C GLN A 226 15.78 9.12 -5.65
N GLU A 227 14.83 9.51 -6.53
CA GLU A 227 14.25 10.86 -6.51
C GLU A 227 13.44 11.08 -5.20
N PHE A 228 12.67 10.06 -4.79
CA PHE A 228 11.86 10.15 -3.60
C PHE A 228 12.74 10.24 -2.33
N GLU A 229 13.80 9.47 -2.33
CA GLU A 229 14.75 9.49 -1.22
C GLU A 229 15.37 10.87 -1.05
N LYS A 230 15.77 11.46 -2.15
CA LYS A 230 16.26 12.82 -2.15
C LYS A 230 15.24 13.83 -1.61
N PHE A 231 13.98 13.71 -2.09
CA PHE A 231 12.87 14.52 -1.62
C PHE A 231 12.69 14.40 -0.10
N LEU A 232 12.82 13.18 0.39
CA LEU A 232 12.66 12.87 1.79
C LEU A 232 13.62 13.61 2.70
N GLN A 233 14.81 13.87 2.20
CA GLN A 233 15.80 14.55 2.98
C GLN A 233 15.36 15.94 3.49
N SER A 234 14.38 16.57 2.84
CA SER A 234 13.84 17.84 3.29
C SER A 234 12.96 17.73 4.53
N PHE A 235 12.60 16.52 4.96
CA PHE A 235 11.63 16.28 6.01
C PHE A 235 12.27 15.74 7.25
N HIS A 236 11.65 16.11 8.35
CA HIS A 236 12.03 15.67 9.67
C HIS A 236 10.87 15.04 10.34
N PHE A 237 11.04 13.85 10.90
CA PHE A 237 9.93 13.15 11.48
C PHE A 237 9.85 13.25 13.01
N SER A 238 8.64 13.03 13.52
CA SER A 238 8.40 13.01 14.99
C SER A 238 8.44 11.57 15.50
N ALA A 239 8.33 11.40 16.83
CA ALA A 239 8.48 10.11 17.49
C ALA A 239 7.31 9.19 17.10
N ILE A 240 7.65 7.95 16.79
CA ILE A 240 6.65 6.95 16.56
C ILE A 240 6.16 6.50 17.92
N SER A 241 4.88 6.64 18.15
CA SER A 241 4.31 6.30 19.48
C SER A 241 3.51 5.03 19.51
N ILE A 242 3.26 4.41 18.36
CA ILE A 242 2.59 3.13 18.22
C ILE A 242 3.47 2.40 17.21
N PRO A 243 3.94 1.20 17.51
CA PRO A 243 4.88 0.53 16.58
C PRO A 243 4.24 0.30 15.23
N VAL A 244 5.03 0.58 14.20
CA VAL A 244 4.63 0.44 12.82
C VAL A 244 5.37 -0.69 12.21
N ILE A 245 4.70 -1.72 11.73
CA ILE A 245 5.36 -2.84 11.14
C ILE A 245 5.64 -2.52 9.66
N SER A 246 6.91 -2.45 9.29
CA SER A 246 7.25 -2.01 7.93
C SER A 246 6.98 -3.05 6.85
N ASN A 247 6.51 -2.56 5.70
CA ASN A 247 6.41 -3.42 4.56
C ASN A 247 7.77 -4.06 4.08
N VAL A 248 8.84 -3.31 4.21
CA VAL A 248 10.14 -3.74 3.72
C VAL A 248 10.73 -4.85 4.52
N HIS A 249 10.63 -4.73 5.82
CA HIS A 249 11.31 -5.66 6.73
C HIS A 249 10.42 -6.59 7.54
N ALA A 250 9.11 -6.34 7.49
CA ALA A 250 8.17 -7.05 8.33
C ALA A 250 8.53 -6.98 9.80
N ARG A 251 9.01 -5.83 10.25
CA ARG A 251 9.39 -5.60 11.65
C ARG A 251 9.11 -4.15 11.97
N PRO A 252 9.07 -3.81 13.25
CA PRO A 252 8.86 -2.40 13.58
C PRO A 252 9.90 -1.47 12.95
N TYR A 253 9.47 -0.28 12.56
CA TYR A 253 10.32 0.83 12.27
C TYR A 253 11.15 1.16 13.51
N GLU A 254 12.36 1.60 13.26
CA GLU A 254 13.17 2.17 14.27
C GLU A 254 13.08 3.69 14.09
N GLN A 255 13.06 4.46 15.15
CA GLN A 255 12.84 5.88 15.02
C GLN A 255 13.81 6.49 14.02
N ASP A 256 15.04 6.06 14.06
CA ASP A 256 15.99 6.72 13.14
C ASP A 256 16.02 6.18 11.76
N GLY A 257 15.13 5.26 11.44
CA GLY A 257 15.20 4.58 10.18
C GLY A 257 13.99 4.95 9.31
N ILE A 258 13.28 6.03 9.58
CA ILE A 258 12.04 6.26 8.78
C ILE A 258 12.41 6.58 7.33
N HIS A 259 13.39 7.47 7.10
CA HIS A 259 13.73 7.88 5.73
C HIS A 259 14.02 6.70 4.87
N SER A 260 14.92 5.84 5.36
CA SER A 260 15.44 4.76 4.53
C SER A 260 14.42 3.66 4.27
N VAL A 261 13.60 3.40 5.27
CA VAL A 261 12.55 2.38 5.16
C VAL A 261 11.42 2.87 4.26
N LEU A 262 11.07 4.16 4.31
CA LEU A 262 10.09 4.68 3.35
C LEU A 262 10.57 4.73 1.95
N ALA A 263 11.83 5.09 1.76
CA ALA A 263 12.41 5.09 0.41
C ALA A 263 12.50 3.61 -0.10
N ASP A 264 13.01 2.70 0.71
CA ASP A 264 13.20 1.29 0.29
C ASP A 264 11.85 0.71 -0.11
N GLN A 265 10.77 1.23 0.44
CA GLN A 265 9.47 0.65 0.15
C GLN A 265 9.16 0.71 -1.34
N ILE A 266 9.67 1.74 -2.00
CA ILE A 266 9.30 1.94 -3.41
C ILE A 266 9.81 0.83 -4.37
N ASP A 267 11.02 0.33 -4.11
CA ASP A 267 11.56 -0.65 -4.99
C ASP A 267 11.74 -1.99 -4.39
N HIS A 268 11.11 -2.25 -3.27
CA HIS A 268 11.19 -3.56 -2.62
C HIS A 268 9.82 -4.21 -2.46
N SER A 269 9.82 -5.54 -2.30
CA SER A 269 8.59 -6.30 -2.09
C SER A 269 7.84 -5.80 -0.84
N VAL A 270 6.52 -5.80 -0.93
CA VAL A 270 5.69 -5.62 0.28
C VAL A 270 5.47 -6.99 0.98
N ARG A 271 6.12 -7.14 2.12
CA ARG A 271 6.18 -8.41 2.84
C ARG A 271 4.98 -8.42 3.82
N TRP A 272 3.79 -8.44 3.22
CA TRP A 272 2.57 -8.28 4.02
C TRP A 272 2.27 -9.56 4.84
N ASN A 273 2.44 -10.73 4.20
CA ASN A 273 2.24 -12.02 4.89
C ASN A 273 3.15 -12.12 6.10
N ASP A 274 4.42 -11.82 5.91
CA ASP A 274 5.34 -11.89 7.04
C ASP A 274 5.08 -10.85 8.13
N SER A 275 4.56 -9.66 7.76
CA SER A 275 4.20 -8.64 8.67
C SER A 275 3.06 -9.11 9.56
N ILE A 276 2.04 -9.73 8.98
CA ILE A 276 0.94 -10.23 9.76
C ILE A 276 1.37 -11.39 10.67
N ARG A 277 2.18 -12.27 10.15
CA ARG A 277 2.70 -13.36 10.93
C ARG A 277 3.52 -12.84 12.16
N TYR A 278 4.30 -11.79 11.96
CA TYR A 278 5.06 -11.19 13.02
C TYR A 278 4.10 -10.79 14.12
N LEU A 279 2.99 -10.21 13.71
CA LEU A 279 1.96 -9.77 14.69
C LEU A 279 1.20 -10.94 15.39
N LEU A 280 0.81 -11.93 14.58
CA LEU A 280 0.18 -13.18 15.08
C LEU A 280 1.05 -13.82 16.12
N ASP A 281 2.34 -13.85 15.89
CA ASP A 281 3.30 -14.49 16.83
C ASP A 281 3.35 -13.90 18.21
N LYS A 282 2.84 -12.70 18.40
CA LYS A 282 2.91 -12.06 19.69
C LYS A 282 1.79 -12.50 20.60
N GLY A 283 0.90 -13.34 20.11
CA GLY A 283 -0.22 -13.82 20.89
C GLY A 283 -1.52 -13.03 20.96
N ARG A 284 -2.62 -13.73 20.84
CA ARG A 284 -3.96 -13.19 20.79
C ARG A 284 -4.31 -11.92 20.09
N MET A 285 -3.78 -11.76 18.92
CA MET A 285 -3.96 -10.54 18.19
C MET A 285 -5.21 -10.41 17.35
N GLU A 286 -5.93 -9.34 17.50
CA GLU A 286 -7.03 -9.05 16.62
C GLU A 286 -6.65 -7.93 15.67
N PHE A 287 -7.32 -7.89 14.54
CA PHE A 287 -7.06 -6.86 13.51
C PHE A 287 -8.34 -6.13 13.15
N GLU A 288 -8.26 -4.81 12.97
CA GLU A 288 -9.30 -4.07 12.37
C GLU A 288 -8.78 -3.22 11.22
N GLU A 289 -9.50 -3.33 10.10
CA GLU A 289 -9.20 -2.58 8.87
C GLU A 289 -9.83 -1.21 9.01
N VAL A 290 -9.07 -0.16 8.78
CA VAL A 290 -9.53 1.28 8.93
C VAL A 290 -9.34 1.94 7.57
N GLY A 291 -10.46 2.21 6.90
CA GLY A 291 -10.43 2.69 5.50
C GLY A 291 -11.42 1.89 4.66
N PRO A 292 -11.44 2.13 3.36
CA PRO A 292 -12.47 1.50 2.56
C PRO A 292 -12.20 0.04 2.32
N GLY A 293 -13.27 -0.71 2.24
CA GLY A 293 -13.14 -2.09 1.77
C GLY A 293 -12.80 -3.07 2.83
N HIS A 294 -12.74 -4.33 2.44
CA HIS A 294 -12.40 -5.42 3.33
C HIS A 294 -11.24 -6.27 2.84
N VAL A 295 -10.44 -5.75 1.92
CA VAL A 295 -9.39 -6.52 1.32
C VAL A 295 -8.42 -7.07 2.30
N LEU A 296 -7.92 -6.25 3.21
CA LEU A 296 -6.91 -6.72 4.16
C LEU A 296 -7.51 -7.66 5.17
N THR A 297 -8.77 -7.40 5.53
CA THR A 297 -9.44 -8.33 6.42
C THR A 297 -9.53 -9.71 5.81
N GLY A 298 -9.82 -9.76 4.52
CA GLY A 298 -9.87 -11.05 3.78
C GLY A 298 -8.53 -11.75 3.81
N LEU A 299 -7.46 -10.96 3.72
CA LEU A 299 -6.14 -11.55 3.79
C LEU A 299 -5.81 -12.13 5.14
N ILE A 300 -6.30 -11.54 6.19
CA ILE A 300 -6.04 -12.03 7.52
C ILE A 300 -6.54 -13.44 7.60
N HIS A 301 -7.75 -13.64 7.16
CA HIS A 301 -8.41 -14.91 7.26
C HIS A 301 -7.66 -16.00 6.51
N ARG A 302 -7.10 -15.65 5.38
CA ARG A 302 -6.31 -16.63 4.62
C ARG A 302 -4.98 -16.91 5.26
N ILE A 303 -4.33 -15.87 5.79
CA ILE A 303 -3.09 -16.04 6.54
C ILE A 303 -3.30 -16.97 7.73
N LYS A 304 -4.37 -16.78 8.49
CA LYS A 304 -4.62 -17.63 9.69
C LYS A 304 -4.92 -19.06 9.36
N ASN A 305 -5.69 -19.31 8.33
CA ASN A 305 -6.07 -20.72 7.95
C ASN A 305 -5.02 -21.44 7.09
#